data_8RV9
#
_entry.id   8RV9
#
_cell.length_a   167.989
_cell.length_b   167.989
_cell.length_c   51.870
_cell.angle_alpha   90.000
_cell.angle_beta   90.000
_cell.angle_gamma   120.000
#
_symmetry.space_group_name_H-M   'P 31 2 1'
#
loop_
_entity.id
_entity.type
_entity.pdbx_description
1 polymer "2'-O-methyltransferase nsp16"
2 polymer 'Non-structural protein 10'
3 non-polymer '2-(N-MORPHOLINO)-ETHANESULFONIC ACID'
4 non-polymer '5-[[(2~{S},3~{S},4~{R},5~{R})-5-(6-aminopurin-9-yl)-3,4-bis(oxidanyl)oxolan-2-yl]methylsulfanylmethyl]-2-chloranyl-benzoic acid'
5 non-polymer GLYCEROL
6 non-polymer 'ZINC ION'
7 water water
#
loop_
_entity_poly.entity_id
_entity_poly.type
_entity_poly.pdbx_seq_one_letter_code
_entity_poly.pdbx_strand_id
1 'polypeptide(L)'
;GSMASSQAWQPGVAMPNLYKMQRMLLEKCDLQNYGDSATLPKGIMMNVAKYTQLCQYLNTLTLAVPYNMRVIHFGAGSDK
GVAPGTAVLRQWLPTGTLLVDSDLNDFVSDADSTLIGDCATVHTANKWDLIISDMYDPKTKNVTKENDSKEGFFTYICGF
IQQKLALGGSVAIKITEHSWNADLYKLMGHFAWWTAFVTNVNASSSEAFLIGCNYLGKPREQIDGYVMHANYIFWRNTNP
IQLSSYSLFDMSKFPLKLRGTAVMSLKEGQINDMILSLLSKGRLIIRENNRVVISSDVLVNN
;
A
2 'polypeptide(L)'
;GSMAGNATEVPANSTVLSFCAFAVDAAKAYKDYLASGGQPITNCVKMLCTHTGTGQAITVTPEANMDQESFGGASCCLYC
RCHIDHPNPKGFCDLKGKYVQIPTTCANDPVGFTLKNTVCTVCGMWKGYGCSCDQLREPMLQ
;
B
#
loop_
_chem_comp.id
_chem_comp.type
_chem_comp.name
_chem_comp.formula
A1H3A non-polymer '5-[[(2~{S},3~{S},4~{R},5~{R})-5-(6-aminopurin-9-yl)-3,4-bis(oxidanyl)oxolan-2-yl]methylsulfanylmethyl]-2-chloranyl-benzoic acid' 'C18 H18 Cl N5 O5 S'
GOL non-polymer GLYCEROL 'C3 H8 O3'
MES non-polymer '2-(N-MORPHOLINO)-ETHANESULFONIC ACID' 'C6 H13 N O4 S'
ZN non-polymer 'ZINC ION' 'Zn 2'
#
# COMPACT_ATOMS: atom_id res chain seq x y z
N SER A 6 -18.10 12.98 -14.51
CA SER A 6 -17.59 13.53 -13.25
C SER A 6 -16.74 12.51 -12.47
N GLN A 7 -16.77 11.25 -12.92
CA GLN A 7 -15.92 10.24 -12.31
C GLN A 7 -14.44 10.55 -12.46
N ALA A 8 -14.07 11.33 -13.49
CA ALA A 8 -12.66 11.56 -13.80
C ALA A 8 -11.94 12.33 -12.70
N TRP A 9 -12.66 13.08 -11.89
CA TRP A 9 -12.03 13.80 -10.79
C TRP A 9 -12.02 13.00 -9.47
N GLN A 10 -12.63 11.83 -9.44
CA GLN A 10 -12.57 10.98 -8.26
CA GLN A 10 -12.56 10.99 -8.25
C GLN A 10 -11.27 10.16 -8.31
N PRO A 11 -10.90 9.50 -7.19
CA PRO A 11 -9.72 8.63 -7.26
C PRO A 11 -9.96 7.36 -8.05
N GLY A 12 -11.22 7.00 -8.27
CA GLY A 12 -11.55 5.78 -8.97
C GLY A 12 -13.05 5.60 -8.93
N VAL A 13 -13.51 4.40 -9.27
CA VAL A 13 -14.94 4.10 -9.35
C VAL A 13 -15.21 2.83 -8.56
N ALA A 14 -16.20 2.89 -7.68
CA ALA A 14 -16.64 1.73 -6.90
C ALA A 14 -17.85 1.07 -7.57
N MET A 15 -17.91 -0.25 -7.49
CA MET A 15 -18.98 -1.03 -8.10
C MET A 15 -20.34 -0.56 -7.59
N PRO A 16 -21.25 -0.10 -8.44
CA PRO A 16 -22.55 0.39 -7.95
C PRO A 16 -23.39 -0.74 -7.36
N ASN A 17 -24.17 -0.39 -6.33
CA ASN A 17 -24.88 -1.39 -5.55
C ASN A 17 -25.83 -2.23 -6.41
N LEU A 18 -26.46 -1.61 -7.42
CA LEU A 18 -27.39 -2.40 -8.22
C LEU A 18 -26.68 -3.53 -8.96
N TYR A 19 -25.42 -3.32 -9.36
CA TYR A 19 -24.70 -4.41 -10.01
C TYR A 19 -24.41 -5.55 -9.04
N LYS A 20 -24.20 -5.24 -7.76
CA LYS A 20 -23.99 -6.28 -6.75
C LYS A 20 -25.21 -7.18 -6.59
N MET A 21 -26.40 -6.71 -6.96
CA MET A 21 -27.63 -7.43 -6.73
C MET A 21 -28.04 -8.31 -7.90
N GLN A 22 -27.25 -8.37 -8.96
CA GLN A 22 -27.65 -9.15 -10.12
C GLN A 22 -27.28 -10.62 -9.94
N ARG A 23 -27.62 -11.42 -10.95
CA ARG A 23 -27.28 -12.85 -11.00
C ARG A 23 -26.68 -13.17 -12.36
N MET A 24 -25.61 -12.45 -12.72
CA MET A 24 -25.03 -12.62 -14.04
C MET A 24 -24.27 -13.94 -14.17
N LEU A 25 -24.20 -14.43 -15.39
CA LEU A 25 -23.29 -15.51 -15.72
C LEU A 25 -21.91 -14.93 -16.04
N LEU A 26 -20.87 -15.70 -15.71
CA LEU A 26 -19.51 -15.23 -15.92
C LEU A 26 -19.18 -15.18 -17.40
N GLU A 27 -18.63 -14.06 -17.85
CA GLU A 27 -18.23 -13.86 -19.23
C GLU A 27 -16.77 -13.45 -19.27
N LYS A 28 -16.20 -13.49 -20.47
CA LYS A 28 -14.86 -12.93 -20.66
C LYS A 28 -14.88 -11.43 -20.44
N CYS A 29 -13.83 -10.88 -19.85
CA CYS A 29 -13.80 -9.46 -19.59
C CYS A 29 -13.17 -8.80 -20.81
N ASP A 30 -13.89 -7.88 -21.44
CA ASP A 30 -13.36 -7.15 -22.59
C ASP A 30 -13.56 -5.66 -22.35
N LEU A 31 -12.49 -4.99 -21.95
CA LEU A 31 -12.57 -3.58 -21.59
C LEU A 31 -12.41 -2.72 -22.83
N GLN A 32 -13.36 -1.81 -23.03
CA GLN A 32 -13.29 -0.91 -24.19
C GLN A 32 -11.99 -0.13 -24.21
N ASN A 33 -11.54 0.36 -23.06
CA ASN A 33 -10.32 1.15 -22.96
CA ASN A 33 -10.30 1.15 -23.01
C ASN A 33 -9.09 0.29 -22.68
N TYR A 34 -9.15 -1.00 -23.00
CA TYR A 34 -8.00 -1.89 -22.85
C TYR A 34 -6.81 -1.34 -23.62
N GLY A 35 -5.67 -1.25 -22.94
CA GLY A 35 -4.46 -0.80 -23.59
C GLY A 35 -4.29 0.70 -23.69
N ASP A 36 -5.28 1.50 -23.32
CA ASP A 36 -5.01 2.90 -23.05
C ASP A 36 -4.23 3.03 -21.73
N SER A 37 -3.61 4.19 -21.54
CA SER A 37 -2.88 4.46 -20.30
C SER A 37 -3.12 5.90 -19.87
N ALA A 38 -3.21 6.10 -18.55
CA ALA A 38 -3.26 7.44 -18.01
C ALA A 38 -1.88 8.07 -18.11
N THR A 39 -1.86 9.40 -18.26
CA THR A 39 -0.60 10.14 -18.22
C THR A 39 -0.27 10.44 -16.76
N LEU A 40 0.71 9.75 -16.23
CA LEU A 40 1.11 9.97 -14.85
C LEU A 40 1.90 11.27 -14.73
N PRO A 41 1.83 11.93 -13.56
CA PRO A 41 2.73 13.07 -13.33
C PRO A 41 4.18 12.66 -13.53
N LYS A 42 4.99 13.63 -13.92
CA LYS A 42 6.37 13.37 -14.32
C LYS A 42 7.13 12.58 -13.25
N GLY A 43 7.67 11.43 -13.63
CA GLY A 43 8.48 10.62 -12.74
C GLY A 43 7.74 9.81 -11.70
N ILE A 44 6.40 9.78 -11.72
CA ILE A 44 5.64 9.01 -10.75
C ILE A 44 5.35 7.62 -11.32
N MET A 45 5.64 6.58 -10.54
CA MET A 45 5.37 5.19 -10.91
C MET A 45 3.89 4.85 -10.82
N MET A 46 3.45 3.92 -11.69
CA MET A 46 2.08 3.40 -11.60
C MET A 46 1.74 2.91 -10.19
N ASN A 47 2.69 2.21 -9.54
CA ASN A 47 2.33 1.64 -8.25
C ASN A 47 2.11 2.72 -7.19
N VAL A 48 2.87 3.82 -7.25
CA VAL A 48 2.63 4.92 -6.33
C VAL A 48 1.27 5.56 -6.61
N ALA A 49 0.97 5.80 -7.89
CA ALA A 49 -0.29 6.42 -8.28
C ALA A 49 -1.48 5.56 -7.88
N LYS A 50 -1.36 4.25 -8.09
CA LYS A 50 -2.43 3.32 -7.79
C LYS A 50 -2.72 3.29 -6.29
N TYR A 51 -1.68 3.11 -5.47
CA TYR A 51 -1.89 3.12 -4.03
C TYR A 51 -2.38 4.47 -3.53
N THR A 52 -1.92 5.56 -4.14
CA THR A 52 -2.43 6.86 -3.72
C THR A 52 -3.94 6.96 -3.93
N GLN A 53 -4.42 6.50 -5.09
CA GLN A 53 -5.85 6.57 -5.36
C GLN A 53 -6.63 5.60 -4.49
N LEU A 54 -6.06 4.42 -4.18
CA LEU A 54 -6.74 3.51 -3.25
C LEU A 54 -6.92 4.18 -1.88
N CYS A 55 -5.86 4.81 -1.39
CA CYS A 55 -5.91 5.49 -0.10
C CYS A 55 -6.88 6.68 -0.11
N GLN A 56 -6.89 7.45 -1.22
CA GLN A 56 -7.87 8.53 -1.37
C GLN A 56 -9.30 7.99 -1.29
N TYR A 57 -9.57 6.83 -1.90
CA TYR A 57 -10.90 6.24 -1.77
C TYR A 57 -11.17 5.74 -0.35
N LEU A 58 -10.17 5.11 0.28
CA LEU A 58 -10.38 4.62 1.64
C LEU A 58 -10.64 5.78 2.61
N ASN A 59 -10.16 6.99 2.28
CA ASN A 59 -10.50 8.15 3.10
C ASN A 59 -11.99 8.45 3.13
N THR A 60 -12.76 7.97 2.15
CA THR A 60 -14.19 8.24 2.10
C THR A 60 -15.01 7.23 2.87
N LEU A 61 -14.39 6.19 3.44
CA LEU A 61 -15.11 5.15 4.14
C LEU A 61 -14.97 5.32 5.65
N THR A 62 -15.78 4.57 6.39
CA THR A 62 -15.78 4.66 7.85
C THR A 62 -14.76 3.70 8.47
N LEU A 63 -13.50 3.84 8.05
CA LEU A 63 -12.43 3.04 8.65
C LEU A 63 -12.24 3.38 10.12
N ALA A 64 -12.06 2.35 10.93
CA ALA A 64 -11.61 2.52 12.29
C ALA A 64 -10.12 2.88 12.31
N VAL A 65 -9.77 3.93 13.04
CA VAL A 65 -8.38 4.40 13.09
C VAL A 65 -7.98 4.60 14.55
N PRO A 66 -7.60 3.53 15.25
CA PRO A 66 -7.19 3.66 16.66
C PRO A 66 -5.77 4.20 16.79
N TYR A 67 -5.40 4.56 18.02
CA TYR A 67 -4.00 4.68 18.40
C TYR A 67 -3.33 3.32 18.31
N ASN A 68 -2.02 3.30 18.05
CA ASN A 68 -1.36 1.98 17.73
C ASN A 68 -2.05 1.26 16.61
N MET A 69 -2.47 1.96 15.56
CA MET A 69 -3.09 1.19 14.49
C MET A 69 -2.08 0.15 13.96
N ARG A 70 -2.61 -1.00 13.55
CA ARG A 70 -1.81 -2.14 13.12
C ARG A 70 -2.21 -2.48 11.69
N VAL A 71 -1.27 -2.32 10.75
CA VAL A 71 -1.56 -2.53 9.33
C VAL A 71 -0.55 -3.52 8.77
N ILE A 72 -1.03 -4.48 8.00
CA ILE A 72 -0.15 -5.46 7.36
C ILE A 72 -0.42 -5.44 5.85
N HIS A 73 0.67 -5.49 5.08
CA HIS A 73 0.65 -5.29 3.63
C HIS A 73 1.31 -6.48 2.92
N PHE A 74 0.52 -7.31 2.26
CA PHE A 74 1.01 -8.46 1.50
C PHE A 74 1.23 -8.13 0.04
N GLY A 75 2.26 -8.75 -0.55
CA GLY A 75 2.59 -8.48 -1.94
C GLY A 75 3.31 -7.17 -2.17
N ALA A 76 4.14 -6.74 -1.22
CA ALA A 76 4.66 -5.39 -1.20
C ALA A 76 5.95 -5.20 -1.98
N GLY A 77 6.57 -6.24 -2.52
CA GLY A 77 7.86 -6.13 -3.19
C GLY A 77 7.72 -5.95 -4.70
N SER A 78 8.53 -5.05 -5.25
CA SER A 78 8.56 -4.87 -6.70
C SER A 78 9.68 -5.71 -7.31
N ASP A 79 9.65 -5.82 -8.63
CA ASP A 79 10.74 -6.54 -9.30
C ASP A 79 12.03 -5.73 -9.33
N LYS A 80 12.02 -4.51 -8.79
CA LYS A 80 13.25 -3.74 -8.60
C LYS A 80 13.70 -3.74 -7.14
N GLY A 81 13.03 -4.50 -6.29
CA GLY A 81 13.48 -4.67 -4.92
C GLY A 81 13.15 -3.53 -3.98
N VAL A 82 12.14 -2.72 -4.30
CA VAL A 82 11.67 -1.67 -3.39
C VAL A 82 10.17 -1.89 -3.15
N ALA A 83 9.55 -1.04 -2.32
CA ALA A 83 8.16 -1.23 -1.91
C ALA A 83 7.41 0.09 -2.06
N PRO A 84 7.03 0.45 -3.29
CA PRO A 84 6.33 1.72 -3.51
C PRO A 84 5.01 1.81 -2.78
N GLY A 85 4.22 0.74 -2.79
CA GLY A 85 2.95 0.74 -2.10
C GLY A 85 3.10 0.91 -0.60
N THR A 86 4.10 0.26 -0.01
CA THR A 86 4.37 0.48 1.41
C THR A 86 4.71 1.95 1.68
N ALA A 87 5.49 2.58 0.80
CA ALA A 87 5.83 3.99 1.00
C ALA A 87 4.58 4.87 0.97
N VAL A 88 3.61 4.56 0.10
CA VAL A 88 2.36 5.33 0.09
C VAL A 88 1.57 5.07 1.37
N LEU A 89 1.51 3.80 1.81
CA LEU A 89 0.76 3.47 3.03
C LEU A 89 1.35 4.18 4.23
N ARG A 90 2.69 4.24 4.30
CA ARG A 90 3.30 4.94 5.43
C ARG A 90 3.05 6.43 5.38
N GLN A 91 2.99 7.02 4.19
CA GLN A 91 2.61 8.41 4.04
C GLN A 91 1.19 8.67 4.52
N TRP A 92 0.29 7.74 4.21
CA TRP A 92 -1.14 7.88 4.47
C TRP A 92 -1.49 7.65 5.94
N LEU A 93 -0.90 6.62 6.57
CA LEU A 93 -1.31 6.22 7.91
C LEU A 93 -0.79 7.21 8.95
N PRO A 94 -1.48 7.38 10.07
CA PRO A 94 -0.99 8.29 11.11
C PRO A 94 0.40 7.91 11.58
N THR A 95 1.22 8.93 11.87
CA THR A 95 2.53 8.69 12.45
C THR A 95 2.40 7.82 13.68
N GLY A 96 3.29 6.84 13.80
CA GLY A 96 3.20 5.89 14.87
C GLY A 96 2.40 4.64 14.55
N THR A 97 1.75 4.58 13.40
CA THR A 97 1.08 3.35 12.99
C THR A 97 2.14 2.26 12.77
N LEU A 98 1.89 1.07 13.32
CA LEU A 98 2.76 -0.07 13.07
C LEU A 98 2.42 -0.70 11.73
N LEU A 99 3.39 -0.75 10.82
CA LEU A 99 3.19 -1.24 9.47
C LEU A 99 4.16 -2.38 9.19
N VAL A 100 3.60 -3.54 8.83
CA VAL A 100 4.38 -4.72 8.47
C VAL A 100 4.10 -5.07 7.02
N ASP A 101 5.13 -5.37 6.24
CA ASP A 101 4.87 -5.83 4.88
C ASP A 101 5.61 -7.12 4.57
N SER A 102 5.31 -7.69 3.41
CA SER A 102 5.79 -9.02 3.12
C SER A 102 5.69 -9.26 1.62
N ASP A 103 6.53 -10.16 1.13
CA ASP A 103 6.47 -10.57 -0.27
C ASP A 103 7.31 -11.85 -0.41
N LEU A 104 7.02 -12.59 -1.48
CA LEU A 104 7.78 -13.79 -1.81
C LEU A 104 9.24 -13.47 -2.07
N ASN A 105 9.52 -12.35 -2.71
CA ASN A 105 10.87 -11.99 -3.14
C ASN A 105 11.44 -10.88 -2.25
N ASP A 106 12.77 -10.83 -2.21
CA ASP A 106 13.46 -9.88 -1.34
C ASP A 106 13.22 -8.45 -1.83
N PHE A 107 13.14 -7.52 -0.88
CA PHE A 107 13.00 -6.10 -1.20
C PHE A 107 13.35 -5.31 0.04
N VAL A 108 13.60 -4.01 -0.15
CA VAL A 108 13.86 -3.08 0.95
C VAL A 108 12.65 -2.18 1.11
N SER A 109 12.33 -1.84 2.35
CA SER A 109 11.02 -1.30 2.67
C SER A 109 11.13 -0.22 3.73
N ASP A 110 10.14 0.67 3.74
CA ASP A 110 9.95 1.66 4.79
C ASP A 110 9.06 1.15 5.91
N ALA A 111 8.57 -0.08 5.83
CA ALA A 111 7.76 -0.66 6.89
C ALA A 111 8.59 -0.84 8.16
N ASP A 112 7.88 -0.91 9.29
CA ASP A 112 8.53 -1.17 10.57
C ASP A 112 9.15 -2.55 10.61
N SER A 113 8.55 -3.53 9.93
CA SER A 113 9.19 -4.82 9.83
C SER A 113 8.73 -5.47 8.53
N THR A 114 9.63 -6.25 7.92
CA THR A 114 9.38 -6.90 6.64
C THR A 114 9.66 -8.39 6.74
N LEU A 115 8.78 -9.23 6.21
CA LEU A 115 8.99 -10.68 6.18
C LEU A 115 9.09 -11.15 4.73
N ILE A 116 10.12 -11.93 4.41
CA ILE A 116 10.33 -12.42 3.05
C ILE A 116 10.00 -13.90 3.00
N GLY A 117 9.13 -14.28 2.08
CA GLY A 117 8.70 -15.66 1.93
C GLY A 117 7.28 -15.72 1.43
N ASP A 118 6.83 -16.95 1.16
CA ASP A 118 5.44 -17.15 0.74
C ASP A 118 4.50 -16.71 1.87
N CYS A 119 3.40 -16.05 1.52
CA CYS A 119 2.58 -15.51 2.60
C CYS A 119 2.05 -16.62 3.49
N ALA A 120 1.91 -17.86 2.97
CA ALA A 120 1.49 -18.98 3.84
C ALA A 120 2.45 -19.22 5.00
N THR A 121 3.69 -18.74 4.93
CA THR A 121 4.63 -18.90 6.05
C THR A 121 4.50 -17.81 7.10
N VAL A 122 3.66 -16.81 6.90
CA VAL A 122 3.59 -15.67 7.81
C VAL A 122 2.59 -15.98 8.92
N HIS A 123 3.03 -15.80 10.17
CA HIS A 123 2.18 -15.96 11.34
C HIS A 123 2.32 -14.74 12.24
N THR A 124 1.22 -14.34 12.87
CA THR A 124 1.29 -13.21 13.80
C THR A 124 0.54 -13.57 15.07
N ALA A 125 1.07 -13.08 16.18
CA ALA A 125 0.40 -13.27 17.46
C ALA A 125 -0.81 -12.36 17.57
N ASN A 126 -0.67 -11.12 17.11
CA ASN A 126 -1.71 -10.13 17.30
C ASN A 126 -2.73 -10.15 16.16
N LYS A 127 -3.83 -9.43 16.37
CA LYS A 127 -4.78 -9.14 15.31
C LYS A 127 -4.45 -7.78 14.69
N TRP A 128 -5.10 -7.49 13.55
CA TRP A 128 -4.75 -6.34 12.73
C TRP A 128 -5.99 -5.48 12.47
N ASP A 129 -5.77 -4.18 12.27
CA ASP A 129 -6.85 -3.24 12.01
C ASP A 129 -7.13 -3.03 10.53
N LEU A 130 -6.17 -3.35 9.66
CA LEU A 130 -6.27 -3.12 8.23
C LEU A 130 -5.32 -4.09 7.53
N ILE A 131 -5.83 -4.81 6.54
CA ILE A 131 -5.04 -5.72 5.73
C ILE A 131 -5.09 -5.24 4.29
N ILE A 132 -3.93 -5.00 3.69
CA ILE A 132 -3.80 -4.61 2.28
C ILE A 132 -3.07 -5.72 1.55
N SER A 133 -3.60 -6.13 0.39
CA SER A 133 -2.92 -7.14 -0.43
C SER A 133 -2.90 -6.70 -1.89
N ASP A 134 -1.70 -6.74 -2.47
CA ASP A 134 -1.46 -6.58 -3.89
C ASP A 134 -1.05 -7.88 -4.54
N MET A 135 -1.12 -9.00 -3.83
CA MET A 135 -0.60 -10.26 -4.33
C MET A 135 -1.33 -10.66 -5.61
N TYR A 136 -0.57 -11.22 -6.53
CA TYR A 136 -1.05 -11.51 -7.87
C TYR A 136 -0.05 -12.45 -8.54
N ASP A 137 -0.57 -13.48 -9.20
CA ASP A 137 0.26 -14.43 -9.95
C ASP A 137 -0.09 -14.32 -11.43
N PRO A 138 0.80 -13.80 -12.28
CA PRO A 138 0.44 -13.60 -13.69
C PRO A 138 0.14 -14.89 -14.43
N LYS A 139 0.55 -16.05 -13.89
CA LYS A 139 0.16 -17.33 -14.46
C LYS A 139 -1.35 -17.53 -14.49
N THR A 140 -2.13 -16.73 -13.73
CA THR A 140 -3.58 -16.89 -13.76
C THR A 140 -4.20 -16.32 -15.03
N LYS A 141 -3.53 -15.38 -15.70
CA LYS A 141 -4.03 -14.79 -16.95
C LYS A 141 -3.88 -15.82 -18.06
N ASN A 142 -4.72 -16.84 -18.04
CA ASN A 142 -4.80 -17.80 -19.15
C ASN A 142 -6.17 -17.66 -19.79
N VAL A 143 -6.24 -16.90 -20.87
CA VAL A 143 -7.50 -16.68 -21.58
C VAL A 143 -8.03 -17.94 -22.25
N THR A 144 -7.25 -19.01 -22.34
CA THR A 144 -7.64 -20.19 -23.12
C THR A 144 -8.28 -21.26 -22.26
N LYS A 145 -8.43 -21.01 -20.97
CA LYS A 145 -9.04 -21.98 -20.08
C LYS A 145 -10.09 -21.37 -19.16
N GLU A 146 -11.04 -22.24 -18.74
CA GLU A 146 -12.12 -21.86 -17.83
C GLU A 146 -11.59 -21.04 -16.66
N ASN A 147 -12.34 -20.01 -16.31
CA ASN A 147 -11.94 -19.06 -15.28
C ASN A 147 -12.64 -19.47 -13.98
N ASP A 148 -12.02 -20.37 -13.23
CA ASP A 148 -12.59 -20.82 -11.97
C ASP A 148 -11.96 -20.08 -10.80
N SER A 149 -12.56 -20.27 -9.62
CA SER A 149 -12.06 -19.64 -8.42
C SER A 149 -10.66 -20.18 -8.11
N LYS A 150 -9.74 -19.29 -7.77
CA LYS A 150 -8.33 -19.63 -7.58
C LYS A 150 -8.05 -19.84 -6.10
N GLU A 151 -7.14 -20.77 -5.79
CA GLU A 151 -6.85 -20.87 -4.35
C GLU A 151 -5.53 -20.18 -3.99
N GLY A 152 -4.42 -20.92 -4.01
CA GLY A 152 -3.13 -20.38 -3.59
C GLY A 152 -3.20 -19.37 -2.45
N PHE A 153 -2.63 -18.19 -2.67
CA PHE A 153 -2.61 -17.15 -1.63
C PHE A 153 -4.00 -16.68 -1.21
N PHE A 154 -5.03 -16.86 -2.04
CA PHE A 154 -6.38 -16.50 -1.58
C PHE A 154 -6.84 -17.37 -0.41
N THR A 155 -6.45 -18.65 -0.39
CA THR A 155 -6.81 -19.48 0.76
C THR A 155 -6.20 -18.92 2.04
N TYR A 156 -4.93 -18.52 1.97
CA TYR A 156 -4.27 -17.92 3.12
C TYR A 156 -4.99 -16.64 3.57
N ILE A 157 -5.30 -15.76 2.61
CA ILE A 157 -5.93 -14.47 2.94
C ILE A 157 -7.27 -14.67 3.63
N CYS A 158 -8.09 -15.61 3.15
CA CYS A 158 -9.40 -15.88 3.76
C CYS A 158 -9.24 -16.31 5.22
N GLY A 159 -8.35 -17.27 5.46
CA GLY A 159 -8.11 -17.71 6.84
C GLY A 159 -7.51 -16.60 7.68
N PHE A 160 -6.62 -15.80 7.09
CA PHE A 160 -5.97 -14.74 7.86
C PHE A 160 -6.98 -13.67 8.27
N ILE A 161 -7.95 -13.37 7.40
CA ILE A 161 -9.01 -12.42 7.78
C ILE A 161 -9.83 -12.98 8.94
N GLN A 162 -10.26 -14.23 8.82
CA GLN A 162 -11.11 -14.84 9.83
C GLN A 162 -10.39 -15.01 11.17
N GLN A 163 -9.08 -15.24 11.15
CA GLN A 163 -8.34 -15.47 12.39
C GLN A 163 -7.65 -14.24 12.95
N LYS A 164 -7.23 -13.28 12.12
CA LYS A 164 -6.35 -12.22 12.59
C LYS A 164 -6.82 -10.80 12.24
N LEU A 165 -8.04 -10.63 11.72
CA LEU A 165 -8.57 -9.29 11.54
C LEU A 165 -9.42 -8.93 12.76
N ALA A 166 -9.08 -7.82 13.41
CA ALA A 166 -9.90 -7.34 14.52
C ALA A 166 -11.32 -7.02 14.04
N LEU A 167 -12.30 -7.26 14.91
CA LEU A 167 -13.64 -6.77 14.63
C LEU A 167 -13.59 -5.27 14.48
N GLY A 168 -14.30 -4.75 13.47
CA GLY A 168 -14.21 -3.37 13.10
C GLY A 168 -13.14 -3.04 12.08
N GLY A 169 -12.19 -3.94 11.85
CA GLY A 169 -11.13 -3.69 10.90
C GLY A 169 -11.62 -3.80 9.45
N SER A 170 -10.72 -3.47 8.52
CA SER A 170 -11.07 -3.40 7.10
C SER A 170 -9.98 -4.06 6.27
N VAL A 171 -10.32 -4.39 5.02
CA VAL A 171 -9.39 -5.03 4.10
C VAL A 171 -9.52 -4.39 2.72
N ALA A 172 -8.43 -4.45 1.96
CA ALA A 172 -8.43 -4.15 0.52
C ALA A 172 -7.56 -5.18 -0.17
N ILE A 173 -8.17 -6.07 -0.96
CA ILE A 173 -7.51 -7.24 -1.53
C ILE A 173 -7.61 -7.16 -3.05
N LYS A 174 -6.46 -7.14 -3.72
CA LYS A 174 -6.45 -7.03 -5.18
C LYS A 174 -6.99 -8.31 -5.82
N ILE A 175 -7.90 -8.12 -6.78
CA ILE A 175 -8.38 -9.18 -7.66
C ILE A 175 -8.25 -8.69 -9.09
N THR A 176 -8.42 -9.61 -10.04
CA THR A 176 -8.50 -9.32 -11.47
C THR A 176 -9.57 -10.22 -12.08
N GLU A 177 -9.77 -10.10 -13.39
CA GLU A 177 -10.65 -11.04 -14.08
C GLU A 177 -10.35 -12.48 -13.69
N HIS A 178 -9.07 -12.86 -13.76
CA HIS A 178 -8.69 -14.24 -13.52
C HIS A 178 -8.15 -14.52 -12.12
N SER A 179 -7.74 -13.50 -11.38
CA SER A 179 -7.16 -13.72 -10.04
C SER A 179 -8.23 -13.33 -9.03
N TRP A 180 -9.00 -14.32 -8.59
CA TRP A 180 -10.15 -14.09 -7.72
C TRP A 180 -10.47 -15.40 -7.00
N ASN A 181 -11.31 -15.29 -5.97
CA ASN A 181 -11.64 -16.44 -5.12
C ASN A 181 -13.06 -16.26 -4.58
N ALA A 182 -13.86 -17.32 -4.71
CA ALA A 182 -15.28 -17.23 -4.36
C ALA A 182 -15.48 -17.02 -2.86
N ASP A 183 -14.67 -17.69 -2.03
CA ASP A 183 -14.80 -17.56 -0.58
C ASP A 183 -14.47 -16.14 -0.11
N LEU A 184 -13.53 -15.47 -0.77
CA LEU A 184 -13.21 -14.10 -0.42
C LEU A 184 -14.40 -13.17 -0.67
N TYR A 185 -15.09 -13.32 -1.81
CA TYR A 185 -16.34 -12.60 -2.01
C TYR A 185 -17.37 -12.93 -0.93
N LYS A 186 -17.53 -14.21 -0.62
CA LYS A 186 -18.43 -14.61 0.45
C LYS A 186 -18.07 -13.90 1.75
N LEU A 187 -16.77 -13.81 2.06
CA LEU A 187 -16.33 -13.12 3.27
C LEU A 187 -16.69 -11.63 3.25
N MET A 188 -16.81 -11.02 2.06
CA MET A 188 -17.26 -9.62 2.02
C MET A 188 -18.61 -9.44 2.71
N GLY A 189 -19.46 -10.47 2.68
CA GLY A 189 -20.71 -10.42 3.43
C GLY A 189 -20.55 -10.46 4.94
N HIS A 190 -19.32 -10.59 5.46
CA HIS A 190 -19.07 -10.56 6.90
C HIS A 190 -18.59 -9.19 7.38
N PHE A 191 -18.64 -8.19 6.51
CA PHE A 191 -18.36 -6.82 6.86
C PHE A 191 -19.66 -6.03 6.82
N ALA A 192 -19.64 -4.86 7.47
CA ALA A 192 -20.80 -3.97 7.45
C ALA A 192 -21.09 -3.44 6.04
N TRP A 193 -20.06 -3.33 5.19
CA TRP A 193 -20.20 -2.84 3.83
C TRP A 193 -19.01 -3.37 3.03
N TRP A 194 -19.18 -3.48 1.71
CA TRP A 194 -18.12 -3.95 0.83
C TRP A 194 -18.31 -3.36 -0.56
N THR A 195 -17.22 -3.33 -1.33
CA THR A 195 -17.29 -2.95 -2.74
C THR A 195 -16.10 -3.55 -3.48
N ALA A 196 -16.12 -3.39 -4.81
CA ALA A 196 -14.95 -3.60 -5.67
C ALA A 196 -14.58 -2.23 -6.23
N PHE A 197 -13.36 -1.78 -5.96
CA PHE A 197 -12.92 -0.43 -6.31
C PHE A 197 -11.87 -0.47 -7.40
N VAL A 198 -12.09 0.30 -8.46
CA VAL A 198 -11.17 0.40 -9.60
C VAL A 198 -10.49 1.76 -9.55
N THR A 199 -9.15 1.78 -9.51
CA THR A 199 -8.45 3.06 -9.56
C THR A 199 -8.58 3.69 -10.94
N ASN A 200 -8.69 5.02 -10.97
CA ASN A 200 -8.80 5.71 -12.26
C ASN A 200 -7.50 5.63 -13.06
N VAL A 201 -6.34 5.51 -12.40
CA VAL A 201 -5.09 5.42 -13.18
C VAL A 201 -4.95 4.07 -13.85
N ASN A 202 -5.57 3.02 -13.30
CA ASN A 202 -5.40 1.67 -13.86
C ASN A 202 -6.71 1.11 -14.42
N ALA A 203 -7.63 1.99 -14.82
CA ALA A 203 -8.97 1.61 -15.24
C ALA A 203 -9.00 0.80 -16.53
N SER A 204 -7.91 0.76 -17.28
CA SER A 204 -7.81 -0.08 -18.45
C SER A 204 -7.54 -1.54 -18.09
N SER A 205 -7.40 -1.86 -16.82
CA SER A 205 -7.12 -3.22 -16.37
C SER A 205 -8.35 -3.77 -15.64
N SER A 206 -8.51 -5.09 -15.70
CA SER A 206 -9.57 -5.72 -14.94
C SER A 206 -9.25 -5.82 -13.45
N GLU A 207 -8.12 -5.30 -13.00
CA GLU A 207 -7.87 -5.33 -11.57
C GLU A 207 -8.91 -4.48 -10.83
N ALA A 208 -9.20 -4.89 -9.59
CA ALA A 208 -9.94 -4.06 -8.64
C ALA A 208 -9.42 -4.43 -7.26
N PHE A 209 -9.69 -3.58 -6.29
CA PHE A 209 -9.51 -3.93 -4.88
C PHE A 209 -10.86 -4.26 -4.27
N LEU A 210 -11.00 -5.50 -3.79
CA LEU A 210 -12.16 -5.89 -3.00
C LEU A 210 -11.99 -5.34 -1.60
N ILE A 211 -12.88 -4.43 -1.19
CA ILE A 211 -12.76 -3.73 0.07
C ILE A 211 -13.87 -4.20 0.99
N GLY A 212 -13.48 -4.74 2.15
CA GLY A 212 -14.40 -5.03 3.22
C GLY A 212 -14.23 -3.98 4.29
N CYS A 213 -15.33 -3.29 4.62
CA CYS A 213 -15.31 -2.14 5.52
C CYS A 213 -16.01 -2.52 6.83
N ASN A 214 -15.26 -2.50 7.96
CA ASN A 214 -15.77 -2.82 9.31
C ASN A 214 -16.21 -4.27 9.51
N TYR A 215 -15.23 -5.14 9.77
CA TYR A 215 -15.45 -6.56 9.96
C TYR A 215 -16.37 -6.88 11.15
N LEU A 216 -17.36 -7.74 10.92
CA LEU A 216 -18.31 -8.12 11.96
C LEU A 216 -18.10 -9.53 12.48
N GLY A 217 -17.27 -10.34 11.83
CA GLY A 217 -16.99 -11.68 12.33
C GLY A 217 -18.10 -12.68 12.16
N LYS A 218 -19.14 -12.37 11.41
CA LYS A 218 -20.26 -13.27 11.14
C LYS A 218 -20.89 -12.85 9.83
N PRO A 219 -21.63 -13.76 9.17
CA PRO A 219 -22.31 -13.36 7.93
C PRO A 219 -23.43 -12.37 8.21
N ARG A 220 -23.27 -11.15 7.71
CA ARG A 220 -24.37 -10.20 7.72
C ARG A 220 -25.26 -10.43 6.50
N GLU A 221 -24.67 -10.77 5.36
CA GLU A 221 -25.42 -11.13 4.18
C GLU A 221 -24.74 -12.33 3.54
N GLN A 222 -25.54 -13.13 2.84
CA GLN A 222 -25.07 -14.36 2.21
C GLN A 222 -24.73 -14.06 0.75
N ILE A 223 -23.46 -14.23 0.39
CA ILE A 223 -22.97 -13.88 -0.95
C ILE A 223 -22.46 -15.15 -1.61
N ASP A 224 -22.94 -15.41 -2.83
CA ASP A 224 -22.39 -16.44 -3.69
C ASP A 224 -21.24 -15.83 -4.48
N GLY A 225 -20.02 -16.31 -4.23
CA GLY A 225 -18.84 -15.69 -4.79
C GLY A 225 -18.67 -15.89 -6.29
N TYR A 226 -19.18 -17.00 -6.81
CA TYR A 226 -19.15 -17.19 -8.26
C TYR A 226 -20.05 -16.20 -8.96
N VAL A 227 -21.28 -16.04 -8.44
CA VAL A 227 -22.20 -15.05 -8.98
C VAL A 227 -21.64 -13.64 -8.82
N MET A 228 -21.06 -13.33 -7.65
CA MET A 228 -20.63 -11.96 -7.44
C MET A 228 -19.47 -11.59 -8.36
N HIS A 229 -18.56 -12.53 -8.63
CA HIS A 229 -17.48 -12.19 -9.55
C HIS A 229 -18.01 -11.99 -10.96
N ALA A 230 -19.01 -12.80 -11.36
CA ALA A 230 -19.68 -12.57 -12.64
C ALA A 230 -20.36 -11.21 -12.68
N ASN A 231 -20.97 -10.79 -11.56
CA ASN A 231 -21.55 -9.46 -11.47
C ASN A 231 -20.48 -8.38 -11.64
N TYR A 232 -19.31 -8.58 -11.03
CA TYR A 232 -18.23 -7.61 -11.14
C TYR A 232 -17.76 -7.47 -12.59
N ILE A 233 -17.56 -8.59 -13.27
CA ILE A 233 -17.13 -8.56 -14.67
C ILE A 233 -18.20 -7.92 -15.55
N PHE A 234 -19.47 -8.23 -15.28
CA PHE A 234 -20.55 -7.61 -16.07
C PHE A 234 -20.51 -6.09 -15.93
N TRP A 235 -20.36 -5.60 -14.70
CA TRP A 235 -20.19 -4.16 -14.47
C TRP A 235 -19.02 -3.61 -15.30
N ARG A 236 -17.83 -4.22 -15.16
CA ARG A 236 -16.66 -3.74 -15.90
C ARG A 236 -16.91 -3.81 -17.41
N ASN A 237 -17.56 -4.87 -17.89
CA ASN A 237 -17.78 -5.01 -19.34
C ASN A 237 -18.71 -3.94 -19.89
N THR A 238 -19.64 -3.42 -19.09
CA THR A 238 -20.65 -2.51 -19.61
C THR A 238 -20.45 -1.08 -19.15
N ASN A 239 -19.40 -0.78 -18.40
CA ASN A 239 -19.19 0.56 -17.83
C ASN A 239 -17.74 0.95 -18.04
N PRO A 240 -17.39 1.43 -19.24
CA PRO A 240 -16.02 1.90 -19.47
C PRO A 240 -15.67 3.01 -18.50
N ILE A 241 -14.47 2.93 -17.93
CA ILE A 241 -14.00 3.94 -16.98
C ILE A 241 -12.90 4.75 -17.66
N GLN A 242 -13.10 6.06 -17.71
CA GLN A 242 -12.11 6.95 -18.33
C GLN A 242 -10.85 6.99 -17.49
N LEU A 243 -9.72 6.63 -18.09
CA LEU A 243 -8.44 6.72 -17.39
C LEU A 243 -8.21 8.15 -16.90
N SER A 244 -7.74 8.27 -15.66
CA SER A 244 -7.58 9.61 -15.13
C SER A 244 -6.55 9.66 -14.01
N SER A 245 -5.70 10.67 -14.08
CA SER A 245 -4.71 11.00 -13.07
C SER A 245 -5.09 12.21 -12.23
N TYR A 246 -6.27 12.79 -12.45
CA TYR A 246 -6.58 14.11 -11.88
CA TYR A 246 -6.59 14.11 -11.87
C TYR A 246 -6.38 14.13 -10.36
N SER A 247 -6.91 13.14 -9.66
CA SER A 247 -6.88 13.15 -8.20
C SER A 247 -5.45 13.14 -7.64
N LEU A 248 -4.47 12.73 -8.43
CA LEU A 248 -3.09 12.72 -7.94
C LEU A 248 -2.54 14.11 -7.67
N PHE A 249 -3.11 15.15 -8.30
CA PHE A 249 -2.57 16.49 -8.15
C PHE A 249 -3.13 17.26 -6.97
N ASP A 250 -4.04 16.68 -6.19
CA ASP A 250 -4.56 17.36 -5.00
C ASP A 250 -4.37 16.43 -3.81
N MET A 251 -3.26 16.64 -3.09
CA MET A 251 -2.88 15.84 -1.95
C MET A 251 -3.10 16.57 -0.64
N SER A 252 -3.79 17.71 -0.67
CA SER A 252 -3.95 18.54 0.52
C SER A 252 -4.67 17.81 1.63
N LYS A 253 -5.57 16.88 1.30
CA LYS A 253 -6.36 16.18 2.30
C LYS A 253 -6.04 14.68 2.33
N PHE A 254 -4.83 14.30 1.94
CA PHE A 254 -4.49 12.88 1.80
C PHE A 254 -4.39 12.10 3.12
N PRO A 255 -3.74 12.61 4.16
CA PRO A 255 -3.50 11.77 5.35
C PRO A 255 -4.78 11.24 5.97
N LEU A 256 -4.74 9.97 6.37
CA LEU A 256 -5.88 9.36 7.05
C LEU A 256 -6.11 10.07 8.39
N LYS A 257 -7.36 10.44 8.66
CA LYS A 257 -7.70 11.15 9.89
C LYS A 257 -7.52 10.24 11.09
N LEU A 258 -6.71 10.67 12.05
CA LEU A 258 -6.59 9.93 13.30
C LEU A 258 -7.86 10.11 14.12
N ARG A 259 -8.69 9.09 14.14
CA ARG A 259 -9.98 9.15 14.81
C ARG A 259 -9.88 8.75 16.29
N GLY A 260 -8.75 8.17 16.71
CA GLY A 260 -8.62 7.66 18.05
C GLY A 260 -9.65 6.62 18.42
N THR A 261 -10.06 5.80 17.44
CA THR A 261 -11.13 4.83 17.64
C THR A 261 -10.85 3.93 18.84
N ALA A 262 -11.89 3.73 19.66
CA ALA A 262 -11.75 2.91 20.87
C ALA A 262 -11.40 1.47 20.52
N VAL A 263 -10.54 0.87 21.35
CA VAL A 263 -10.16 -0.53 21.24
C VAL A 263 -10.57 -1.21 22.54
N MET A 264 -11.36 -2.26 22.43
CA MET A 264 -11.80 -3.02 23.58
C MET A 264 -11.51 -4.50 23.36
N SER A 265 -11.22 -5.19 24.45
CA SER A 265 -11.18 -6.64 24.44
C SER A 265 -12.53 -7.16 24.89
N LEU A 266 -13.20 -7.94 24.04
CA LEU A 266 -14.44 -8.59 24.43
C LEU A 266 -14.48 -10.01 23.87
N LYS A 267 -15.30 -10.83 24.51
CA LYS A 267 -15.41 -12.25 24.25
C LYS A 267 -16.70 -12.53 23.50
N GLU A 268 -16.74 -13.68 22.80
CA GLU A 268 -17.75 -13.92 21.77
C GLU A 268 -19.17 -13.66 22.27
N GLY A 269 -19.48 -14.06 23.50
CA GLY A 269 -20.82 -13.87 24.03
C GLY A 269 -21.17 -12.43 24.37
N GLN A 270 -20.19 -11.53 24.37
CA GLN A 270 -20.43 -10.13 24.71
C GLN A 270 -20.72 -9.24 23.51
N ILE A 271 -20.68 -9.80 22.30
CA ILE A 271 -20.90 -9.03 21.07
C ILE A 271 -22.41 -8.99 20.86
N ASN A 272 -23.04 -7.91 21.32
CA ASN A 272 -24.48 -7.72 21.17
C ASN A 272 -24.77 -6.79 19.99
N ASP A 273 -26.05 -6.59 19.72
CA ASP A 273 -26.46 -5.72 18.62
C ASP A 273 -25.94 -4.30 18.81
N MET A 274 -25.83 -3.85 20.06
CA MET A 274 -25.27 -2.53 20.33
C MET A 274 -23.80 -2.46 19.93
N ILE A 275 -23.02 -3.49 20.26
CA ILE A 275 -21.62 -3.53 19.85
C ILE A 275 -21.52 -3.61 18.33
N LEU A 276 -22.32 -4.50 17.72
CA LEU A 276 -22.31 -4.66 16.28
C LEU A 276 -22.61 -3.35 15.56
N SER A 277 -23.44 -2.49 16.16
CA SER A 277 -23.73 -1.19 15.55
C SER A 277 -22.52 -0.27 15.59
N LEU A 278 -21.83 -0.24 16.73
CA LEU A 278 -20.61 0.56 16.82
C LEU A 278 -19.55 0.06 15.86
N LEU A 279 -19.38 -1.26 15.78
CA LEU A 279 -18.48 -1.85 14.78
C LEU A 279 -18.84 -1.40 13.38
N SER A 280 -20.15 -1.39 13.07
CA SER A 280 -20.63 -1.09 11.72
C SER A 280 -20.42 0.36 11.34
N LYS A 281 -20.27 1.25 12.32
CA LYS A 281 -20.12 2.68 12.09
C LYS A 281 -18.67 3.13 12.11
N GLY A 282 -17.72 2.18 12.21
CA GLY A 282 -16.34 2.59 12.28
C GLY A 282 -15.94 3.19 13.61
N ARG A 283 -16.64 2.85 14.69
CA ARG A 283 -16.42 3.49 15.98
C ARG A 283 -15.83 2.55 17.03
N LEU A 284 -15.52 1.31 16.67
CA LEU A 284 -14.99 0.37 17.65
C LEU A 284 -14.09 -0.67 16.98
N ILE A 285 -12.99 -0.97 17.66
CA ILE A 285 -12.09 -2.07 17.32
C ILE A 285 -12.09 -3.05 18.50
N ILE A 286 -12.26 -4.33 18.22
CA ILE A 286 -12.23 -5.37 19.24
C ILE A 286 -11.02 -6.26 18.98
N ARG A 287 -10.04 -6.18 19.88
CA ARG A 287 -8.85 -7.01 19.88
C ARG A 287 -8.09 -6.70 21.18
N GLU A 288 -7.05 -7.48 21.43
CA GLU A 288 -6.12 -7.15 22.50
C GLU A 288 -5.22 -6.01 22.07
N ASN A 289 -4.54 -5.40 23.04
CA ASN A 289 -3.62 -4.31 22.76
C ASN A 289 -2.23 -4.63 23.30
N ASN A 290 -1.80 -5.87 23.11
CA ASN A 290 -0.51 -6.34 23.57
C ASN A 290 0.56 -6.07 22.51
N ARG A 291 1.70 -6.70 22.66
CA ARG A 291 2.82 -6.50 21.74
C ARG A 291 2.53 -7.13 20.39
N VAL A 292 2.98 -6.48 19.33
CA VAL A 292 2.87 -7.03 17.98
C VAL A 292 4.08 -7.92 17.71
N VAL A 293 3.84 -9.20 17.49
CA VAL A 293 4.88 -10.19 17.27
C VAL A 293 4.54 -10.98 16.02
N ILE A 294 5.51 -11.11 15.12
CA ILE A 294 5.31 -11.75 13.82
C ILE A 294 6.44 -12.75 13.58
N SER A 295 6.23 -13.65 12.64
CA SER A 295 7.28 -14.59 12.28
C SER A 295 7.02 -15.18 10.90
N SER A 296 8.08 -15.69 10.31
CA SER A 296 8.00 -16.43 9.04
C SER A 296 8.54 -17.84 9.26
N ASP A 297 7.72 -18.86 8.93
CA ASP A 297 8.19 -20.23 9.01
C ASP A 297 9.28 -20.48 7.96
N VAL A 298 10.36 -21.13 8.38
CA VAL A 298 11.46 -21.47 7.50
C VAL A 298 11.52 -22.99 7.39
N LEU A 299 11.42 -23.50 6.17
CA LEU A 299 11.57 -24.91 5.90
C LEU A 299 13.05 -25.26 5.82
N VAL A 300 13.49 -26.23 6.62
CA VAL A 300 14.90 -26.59 6.67
C VAL A 300 15.10 -27.87 5.85
N ASN A 301 16.03 -27.82 4.91
CA ASN A 301 16.27 -28.94 4.00
C ASN A 301 17.75 -28.98 3.66
N ASN A 302 18.14 -30.01 2.90
CA ASN A 302 19.53 -30.18 2.48
C ASN A 302 19.90 -29.19 1.39
N ALA B 21 41.54 -5.23 8.91
CA ALA B 21 41.19 -3.83 8.65
C ALA B 21 40.37 -3.69 7.36
N PHE B 22 40.16 -4.79 6.64
CA PHE B 22 39.44 -4.72 5.38
C PHE B 22 37.96 -4.40 5.60
N ALA B 23 37.46 -3.40 4.87
CA ALA B 23 36.04 -3.07 4.84
C ALA B 23 35.70 -2.63 3.43
N VAL B 24 34.63 -3.20 2.87
CA VAL B 24 34.15 -2.71 1.59
C VAL B 24 33.69 -1.28 1.75
N ASP B 25 34.15 -0.40 0.86
CA ASP B 25 33.80 1.02 0.90
C ASP B 25 32.88 1.32 -0.27
N ALA B 26 31.59 1.05 -0.08
CA ALA B 26 30.62 1.20 -1.17
C ALA B 26 30.37 2.66 -1.52
N ALA B 27 30.40 3.55 -0.53
CA ALA B 27 30.19 4.97 -0.83
C ALA B 27 31.25 5.49 -1.79
N LYS B 28 32.52 5.16 -1.52
CA LYS B 28 33.59 5.56 -2.42
C LYS B 28 33.41 4.94 -3.80
N ALA B 29 33.05 3.64 -3.84
CA ALA B 29 32.89 2.97 -5.12
C ALA B 29 31.78 3.61 -5.96
N TYR B 30 30.72 4.07 -5.31
CA TYR B 30 29.61 4.67 -6.06
C TYR B 30 29.97 6.07 -6.55
N LYS B 31 30.56 6.88 -5.67
CA LYS B 31 31.09 8.18 -6.09
C LYS B 31 32.05 8.03 -7.27
N ASP B 32 32.95 7.04 -7.20
CA ASP B 32 33.90 6.86 -8.29
C ASP B 32 33.21 6.39 -9.56
N TYR B 33 32.17 5.56 -9.42
CA TYR B 33 31.44 5.14 -10.61
C TYR B 33 30.61 6.29 -11.18
N LEU B 34 30.12 7.18 -10.31
CA LEU B 34 29.45 8.39 -10.80
C LEU B 34 30.43 9.27 -11.57
N ALA B 35 31.62 9.49 -10.99
CA ALA B 35 32.61 10.33 -11.66
C ALA B 35 33.07 9.70 -12.98
N SER B 36 33.12 8.37 -13.05
CA SER B 36 33.43 7.67 -14.29
C SER B 36 32.35 7.83 -15.36
N GLY B 37 31.24 8.49 -15.05
CA GLY B 37 30.15 8.60 -16.00
C GLY B 37 29.12 7.49 -15.95
N GLY B 38 28.99 6.78 -14.83
CA GLY B 38 28.00 5.72 -14.73
C GLY B 38 26.61 6.21 -14.38
N GLN B 39 25.61 5.48 -14.89
CA GLN B 39 24.21 5.83 -14.68
C GLN B 39 23.83 5.71 -13.21
N PRO B 40 23.26 6.76 -12.60
CA PRO B 40 22.88 6.69 -11.19
C PRO B 40 21.87 5.57 -10.90
N ILE B 41 21.84 5.17 -9.62
CA ILE B 41 20.86 4.18 -9.16
C ILE B 41 19.46 4.68 -9.45
N THR B 42 18.62 3.82 -10.01
CA THR B 42 17.27 4.17 -10.43
C THR B 42 16.24 3.55 -9.48
N ASN B 43 14.97 3.81 -9.79
CA ASN B 43 13.79 3.26 -9.12
C ASN B 43 13.69 3.71 -7.67
N CYS B 44 14.28 4.85 -7.33
CA CYS B 44 13.94 5.49 -6.07
C CYS B 44 12.47 5.87 -6.11
N VAL B 45 11.79 5.77 -4.96
CA VAL B 45 10.33 5.81 -4.92
C VAL B 45 9.90 7.25 -4.69
N LYS B 46 9.43 7.93 -5.74
CA LYS B 46 9.02 9.32 -5.62
C LYS B 46 7.55 9.40 -5.18
N MET B 47 7.28 10.26 -4.20
CA MET B 47 5.94 10.37 -3.63
C MET B 47 5.15 11.50 -4.30
N LEU B 48 3.83 11.33 -4.34
CA LEU B 48 2.94 12.47 -4.60
C LEU B 48 2.80 13.29 -3.33
N CYS B 49 2.91 14.62 -3.45
CA CYS B 49 2.70 15.48 -2.29
C CYS B 49 2.35 16.87 -2.80
N THR B 50 2.06 17.77 -1.86
CA THR B 50 1.62 19.13 -2.21
C THR B 50 2.75 20.00 -2.73
N HIS B 51 4.00 19.70 -2.38
CA HIS B 51 5.15 20.57 -2.65
C HIS B 51 4.99 21.95 -2.00
N THR B 52 4.31 21.98 -0.86
CA THR B 52 4.21 23.15 0.01
C THR B 52 4.69 22.80 1.42
N GLY B 53 5.64 21.88 1.53
CA GLY B 53 6.12 21.43 2.82
C GLY B 53 7.27 22.27 3.34
N THR B 54 7.82 21.83 4.48
CA THR B 54 8.85 22.61 5.16
C THR B 54 10.17 22.64 4.40
N GLY B 55 10.43 21.67 3.53
CA GLY B 55 11.68 21.62 2.84
C GLY B 55 12.82 21.02 3.64
N GLN B 56 12.58 20.55 4.86
CA GLN B 56 13.59 19.88 5.63
C GLN B 56 14.00 18.57 4.96
N ALA B 57 15.20 18.09 5.32
CA ALA B 57 15.90 17.06 4.54
C ALA B 57 15.28 15.67 4.69
N ILE B 58 15.06 15.23 5.93
CA ILE B 58 14.61 13.88 6.23
C ILE B 58 13.47 13.99 7.23
N THR B 59 12.28 13.54 6.83
CA THR B 59 11.09 13.84 7.62
C THR B 59 10.20 12.62 7.75
N VAL B 60 9.25 12.71 8.70
CA VAL B 60 8.35 11.60 8.98
C VAL B 60 7.29 11.43 7.89
N THR B 61 6.99 12.48 7.14
CA THR B 61 6.06 12.44 6.03
C THR B 61 6.65 13.33 4.96
N PRO B 62 6.21 13.20 3.70
CA PRO B 62 6.81 14.03 2.64
C PRO B 62 6.70 15.52 2.95
N GLU B 63 7.82 16.23 2.77
CA GLU B 63 7.88 17.66 3.10
C GLU B 63 8.51 18.48 1.98
N ALA B 64 8.49 17.99 0.74
CA ALA B 64 9.07 18.76 -0.34
C ALA B 64 8.41 20.12 -0.46
N ASN B 65 9.21 21.14 -0.76
CA ASN B 65 8.70 22.45 -1.13
C ASN B 65 8.64 22.52 -2.65
N MET B 66 8.42 23.73 -3.19
CA MET B 66 8.28 23.88 -4.63
CA MET B 66 8.30 23.91 -4.63
C MET B 66 9.56 23.50 -5.38
N ASP B 67 10.71 23.52 -4.71
CA ASP B 67 12.01 23.26 -5.32
C ASP B 67 12.51 21.83 -5.08
N GLN B 68 11.68 20.94 -4.55
CA GLN B 68 12.14 19.63 -4.11
C GLN B 68 11.20 18.52 -4.59
N GLU B 69 11.73 17.30 -4.60
CA GLU B 69 10.95 16.08 -4.71
C GLU B 69 11.13 15.27 -3.43
N SER B 70 10.07 14.59 -2.99
CA SER B 70 10.11 13.72 -1.82
C SER B 70 10.16 12.27 -2.27
N PHE B 71 11.01 11.48 -1.62
CA PHE B 71 11.17 10.07 -1.95
C PHE B 71 11.07 9.22 -0.69
N GLY B 72 10.60 7.99 -0.86
CA GLY B 72 10.67 7.01 0.22
C GLY B 72 12.12 6.78 0.62
N GLY B 73 12.40 6.81 1.92
CA GLY B 73 13.78 6.87 2.38
C GLY B 73 14.57 5.62 2.08
N ALA B 74 14.00 4.44 2.37
CA ALA B 74 14.75 3.20 2.13
C ALA B 74 15.25 3.12 0.70
N SER B 75 14.43 3.54 -0.27
CA SER B 75 14.80 3.44 -1.68
C SER B 75 15.94 4.38 -2.07
N CYS B 76 16.26 5.36 -1.22
CA CYS B 76 17.31 6.34 -1.51
C CYS B 76 18.61 6.06 -0.77
N CYS B 77 18.65 5.00 0.03
CA CYS B 77 19.81 4.66 0.86
C CYS B 77 20.71 3.67 0.14
N LEU B 78 21.96 4.05 -0.08
CA LEU B 78 22.91 3.19 -0.77
C LEU B 78 22.99 1.81 -0.12
N TYR B 79 23.03 1.77 1.20
CA TYR B 79 23.25 0.51 1.89
C TYR B 79 22.02 -0.38 1.81
N CYS B 80 20.83 0.20 2.00
CA CYS B 80 19.60 -0.56 1.76
C CYS B 80 19.56 -1.13 0.35
N ARG B 81 19.80 -0.29 -0.66
CA ARG B 81 19.61 -0.70 -2.04
C ARG B 81 20.64 -1.74 -2.49
N CYS B 82 21.88 -1.64 -2.02
CA CYS B 82 22.94 -2.57 -2.40
C CYS B 82 22.99 -3.80 -1.51
N HIS B 83 22.17 -3.86 -0.46
CA HIS B 83 22.11 -5.01 0.45
C HIS B 83 23.45 -5.19 1.16
N ILE B 84 23.91 -4.14 1.83
CA ILE B 84 25.17 -4.17 2.55
C ILE B 84 24.97 -3.49 3.90
N ASP B 85 25.93 -3.67 4.79
CA ASP B 85 25.78 -3.18 6.15
C ASP B 85 25.85 -1.66 6.20
N HIS B 86 25.13 -1.08 7.12
CA HIS B 86 25.21 0.35 7.29
C HIS B 86 26.46 0.72 8.08
N PRO B 87 27.17 1.77 7.68
CA PRO B 87 28.48 2.13 8.31
C PRO B 87 28.34 2.84 9.66
N ASN B 88 28.10 2.04 10.68
CA ASN B 88 27.77 2.49 12.04
C ASN B 88 27.89 1.26 12.95
N PRO B 89 28.27 1.45 14.22
CA PRO B 89 28.33 0.27 15.11
C PRO B 89 27.04 -0.50 15.23
N LYS B 90 25.88 0.15 15.38
CA LYS B 90 24.66 -0.63 15.55
C LYS B 90 23.95 -0.92 14.23
N GLY B 91 24.48 -0.44 13.10
CA GLY B 91 23.93 -0.77 11.80
C GLY B 91 22.65 -0.05 11.45
N PHE B 92 22.39 1.08 12.09
CA PHE B 92 21.14 1.81 11.93
C PHE B 92 21.12 2.59 10.63
N CYS B 93 19.91 2.83 10.12
CA CYS B 93 19.69 3.57 8.88
C CYS B 93 18.93 4.84 9.20
N ASP B 94 19.45 5.98 8.74
CA ASP B 94 18.79 7.26 8.98
C ASP B 94 17.63 7.53 8.03
N LEU B 95 17.49 6.74 6.97
CA LEU B 95 16.54 7.04 5.90
C LEU B 95 15.34 6.12 5.88
N LYS B 96 15.53 4.85 6.20
CA LYS B 96 14.49 3.86 6.09
C LYS B 96 13.32 4.21 7.01
N GLY B 97 12.10 4.15 6.46
CA GLY B 97 10.92 4.52 7.22
C GLY B 97 10.62 6.00 7.25
N LYS B 98 11.46 6.83 6.63
CA LYS B 98 11.27 8.28 6.54
C LYS B 98 11.14 8.66 5.06
N TYR B 99 11.03 9.96 4.83
CA TYR B 99 11.05 10.52 3.48
C TYR B 99 12.20 11.50 3.37
N VAL B 100 12.87 11.49 2.23
CA VAL B 100 14.01 12.37 1.99
C VAL B 100 13.62 13.35 0.89
N GLN B 101 13.84 14.63 1.16
CA GLN B 101 13.59 15.69 0.19
C GLN B 101 14.86 15.91 -0.61
N ILE B 102 14.73 15.90 -1.93
CA ILE B 102 15.86 16.05 -2.84
C ILE B 102 15.58 17.27 -3.71
N PRO B 103 16.51 18.22 -3.82
CA PRO B 103 16.36 19.30 -4.80
C PRO B 103 15.99 18.75 -6.16
N THR B 104 15.01 19.38 -6.81
CA THR B 104 14.55 18.88 -8.10
C THR B 104 15.69 18.79 -9.10
N THR B 105 16.64 19.74 -9.05
CA THR B 105 17.76 19.68 -9.99
C THR B 105 18.67 18.49 -9.74
N CYS B 106 18.52 17.79 -8.61
CA CYS B 106 19.38 16.67 -8.28
C CYS B 106 18.62 15.35 -8.19
N ALA B 107 17.33 15.36 -8.55
CA ALA B 107 16.48 14.20 -8.30
C ALA B 107 16.73 13.07 -9.27
N ASN B 108 17.58 13.27 -10.27
CA ASN B 108 18.00 12.15 -11.13
C ASN B 108 18.90 11.17 -10.40
N ASP B 109 19.43 11.54 -9.23
CA ASP B 109 20.34 10.67 -8.48
C ASP B 109 20.14 10.91 -6.99
N PRO B 110 19.01 10.46 -6.44
CA PRO B 110 18.78 10.68 -5.00
C PRO B 110 19.79 9.98 -4.12
N VAL B 111 20.25 8.79 -4.50
CA VAL B 111 21.20 8.06 -3.67
C VAL B 111 22.51 8.82 -3.56
N GLY B 112 23.03 9.27 -4.71
CA GLY B 112 24.25 10.05 -4.69
C GLY B 112 24.11 11.32 -3.88
N PHE B 113 22.94 11.96 -3.93
CA PHE B 113 22.76 13.23 -3.24
C PHE B 113 22.71 13.02 -1.73
N THR B 114 22.02 12.00 -1.25
CA THR B 114 22.01 11.75 0.19
C THR B 114 23.40 11.35 0.67
N LEU B 115 24.16 10.71 -0.20
CA LEU B 115 25.47 10.21 0.17
C LEU B 115 26.51 11.33 0.26
N LYS B 116 26.35 12.38 -0.56
CA LYS B 116 27.34 13.44 -0.67
C LYS B 116 27.02 14.66 0.17
N ASN B 117 25.87 14.71 0.85
CA ASN B 117 25.43 15.95 1.47
C ASN B 117 25.13 15.72 2.94
N THR B 118 25.01 16.81 3.68
CA THR B 118 24.88 16.74 5.12
C THR B 118 23.68 17.57 5.57
N VAL B 119 22.98 17.06 6.59
CA VAL B 119 21.83 17.75 7.17
C VAL B 119 22.31 18.64 8.32
N CYS B 120 21.90 19.91 8.30
CA CYS B 120 22.21 20.80 9.41
C CYS B 120 21.45 20.37 10.66
N THR B 121 22.18 20.17 11.75
CA THR B 121 21.58 19.61 12.96
C THR B 121 20.76 20.62 13.74
N VAL B 122 20.78 21.90 13.38
CA VAL B 122 19.97 22.89 14.07
C VAL B 122 18.66 23.16 13.33
N CYS B 123 18.70 23.31 12.00
CA CYS B 123 17.51 23.65 11.25
C CYS B 123 16.90 22.50 10.47
N GLY B 124 17.62 21.38 10.32
CA GLY B 124 17.10 20.23 9.62
C GLY B 124 17.15 20.30 8.11
N MET B 125 17.64 21.40 7.54
CA MET B 125 17.79 21.57 6.11
C MET B 125 19.12 21.00 5.64
N TRP B 126 19.19 20.72 4.34
CA TRP B 126 20.46 20.36 3.72
C TRP B 126 21.39 21.56 3.75
N LYS B 127 22.63 21.37 4.20
CA LYS B 127 23.64 22.41 4.06
C LYS B 127 23.86 22.71 2.59
N GLY B 128 23.81 23.98 2.23
CA GLY B 128 23.93 24.40 0.85
C GLY B 128 22.69 24.22 0.00
N TYR B 129 21.60 23.69 0.56
CA TYR B 129 20.37 23.51 -0.19
C TYR B 129 19.17 23.84 0.67
N GLY B 130 19.27 24.91 1.46
CA GLY B 130 18.16 25.36 2.27
C GLY B 130 18.58 25.82 3.65
N CYS B 131 19.75 25.39 4.11
CA CYS B 131 20.24 25.85 5.41
C CYS B 131 20.73 27.29 5.29
N SER B 132 20.18 28.16 6.14
CA SER B 132 20.55 29.57 6.15
C SER B 132 21.19 29.98 7.47
N CYS B 133 21.66 29.00 8.25
CA CYS B 133 22.16 29.26 9.59
C CYS B 133 23.49 30.02 9.61
N ASP B 134 24.20 30.05 8.48
CA ASP B 134 25.54 30.66 8.44
C ASP B 134 25.53 32.10 7.92
N GLN B 135 24.43 32.55 7.32
CA GLN B 135 24.38 33.85 6.65
C GLN B 135 24.67 35.04 7.57
O1 MES C . -18.30 4.25 4.49
C2 MES C . -19.08 5.28 3.84
C3 MES C . -19.92 4.81 2.64
N4 MES C . -20.59 3.58 3.02
C5 MES C . -19.74 2.52 3.50
C6 MES C . -18.95 3.00 4.72
C7 MES C . -21.72 3.10 2.21
C8 MES C . -22.20 4.22 1.29
S MES C . -23.33 3.72 0.14
O1S MES C . -23.98 2.40 0.39
O2S MES C . -22.62 3.71 -1.17
O3S MES C . -24.37 4.76 0.10
C1 A1H3A D . 4.66 -11.22 -5.76
C1 A1H3A D . 4.66 -11.29 -5.98
C11 A1H3A D . 3.24 -13.20 -3.16
C11 A1H3A D . 3.19 -13.32 -3.49
C12 A1H3A D . 2.52 -14.38 -3.32
C12 A1H3A D . 2.64 -14.58 -3.64
C14 A1H3A D . 2.37 -13.21 -5.15
C14 A1H3A D . 2.48 -13.49 -5.53
C16 A1H3A D . 3.81 -13.84 -0.99
C16 A1H3A D . 3.69 -13.82 -1.26
C18 A1H3A D . 2.47 -15.29 -2.26
C18 A1H3A D . 2.62 -15.45 -2.55
C2 A1H3A D . 4.66 -9.77 -6.24
C2 A1H3A D . 4.63 -9.86 -6.48
C20 A1H3A D . 3.09 -7.95 -9.10
C20 A1H3A D . 3.06 -6.18 -6.60
C21 A1H3A D . 2.96 -8.39 -10.54
C21 A1H3A D . 3.88 -4.99 -7.04
C22 A1H3A D . 3.68 -9.47 -11.00
C22 A1H3A D . 4.65 -4.31 -6.09
C23 A1H3A D . 3.55 -9.86 -12.33
C23 A1H3A D . 5.40 -3.21 -6.48
C24 A1H3A D . 2.70 -9.16 -13.18
C24 A1H3A D . 5.40 -2.82 -7.82
C25 A1H3A D . 1.97 -8.07 -12.71
C25 A1H3A D . 4.66 -3.50 -8.76
C26 A1H3A D . 2.11 -7.69 -11.39
C26 A1H3A D . 3.89 -4.60 -8.36
C28 A1H3A D . 1.05 -7.29 -13.59
C28 A1H3A D . 4.69 -3.03 -10.18
C3 A1H3A D . 3.49 -9.11 -5.51
C3 A1H3A D . 3.24 -9.35 -6.08
C5 A1H3A D . 3.77 -11.19 -4.53
C5 A1H3A D . 3.58 -11.31 -4.91
C9 A1H3A D . 2.48 -8.41 -6.41
C9 A1H3A D . 2.41 -8.89 -7.27
N13 A1H3A D . 1.99 -14.36 -4.56
N13 A1H3A D . 2.19 -14.66 -4.92
N15 A1H3A D . 3.88 -12.95 -2.00
N15 A1H3A D . 3.72 -12.95 -2.29
N17 A1H3A D . 3.12 -15.00 -1.12
N17 A1H3A D . 3.15 -15.05 -1.38
N19 A1H3A D . 1.78 -16.46 -2.35
N19 A1H3A D . 2.07 -16.70 -2.67
N8 A1H3A D . 3.12 -12.51 -4.30
N8 A1H3A D . 3.09 -12.68 -4.65
O29 A1H3A D . 0.49 -7.81 -14.59
O29 A1H3A D . 5.67 -3.34 -10.89
O30 A1H3A D . 0.84 -6.09 -13.29
O30 A1H3A D . 3.76 -2.33 -10.63
O4 A1H3A D . 2.82 -10.16 -4.78
O4 A1H3A D . 2.58 -10.44 -5.43
O6 A1H3A D . 5.88 -9.11 -5.89
O6 A1H3A D . 5.63 -9.07 -5.84
O7 A1H3A D . 5.96 -11.71 -5.44
O7 A1H3A D . 5.94 -11.67 -5.44
S10 A1H3A D . 2.38 -9.14 -8.00
S10 A1H3A D . 3.08 -7.38 -7.89
CL1 A1H3A D . 2.56 -9.69 -14.89
CL1 A1H3A D . 6.37 -1.41 -8.37
C1 GOL E . 2.06 -16.79 17.17
O1 GOL E . 1.81 -17.29 15.89
C2 GOL E . 3.44 -16.09 17.15
O2 GOL E . 4.37 -16.71 18.00
C3 GOL E . 3.89 -16.13 15.66
O3 GOL E . 4.78 -15.08 15.51
ZN ZN F . 19.54 2.23 4.68
ZN ZN G . 20.93 25.19 9.40
C1 GOL H . 22.86 12.20 4.59
O1 GOL H . 24.15 12.02 5.10
C2 GOL H . 21.93 11.26 5.39
O2 GOL H . 22.49 9.99 5.58
C3 GOL H . 21.70 12.01 6.72
O3 GOL H . 22.38 11.32 7.70
#